data_8HXI
#
_entry.id   8HXI
#
_cell.length_a   75.820
_cell.length_b   75.820
_cell.length_c   184.520
_cell.angle_alpha   90.00
_cell.angle_beta   90.00
_cell.angle_gamma   90.00
#
_symmetry.space_group_name_H-M   'P 41 21 2'
#
loop_
_entity.id
_entity.type
_entity.pdbx_description
1 polymer 'Metallo-beta-lactamase L1 type 3'
2 polymer 'Metallo-beta-lactamase L1 type 3'
3 non-polymer 'ZINC ION'
4 non-polymer '2-azanyl-5-[(4-propan-2-ylphenyl)methyl]-1,3-thiazole-4-carboxylic acid'
5 non-polymer 'THIOCYANATE ION'
6 non-polymer GLYCEROL
7 water water
#
loop_
_entity_poly.entity_id
_entity_poly.type
_entity_poly.pdbx_seq_one_letter_code
_entity_poly.pdbx_strand_id
1 'polypeptide(L)'
;EVPLPQLRAYTVDASWLQPMAPLQIADHTWQIGTEDLTALLVQTPDGAVLLDGGMPQMASHLLDNMKARGVTPRDLRLIL
LSHAHADHAGPVAELKRRTGAKVAANAESAVLLARGGSDDLHFGDGITYPPANADRIVMDGEVITVGGIVFTAHFMAGHT
PGSTAWTWTDTRNGKPVRIAYADSLSAPGYQLQGNPRYPHLIEDYRRSFATVRALPCDVLLTPHPGASNWDYAAGARAGA
KALTCKAYADAAEQKFDGQLAKETAGA
;
A
2 'polypeptide(L)'
;SAEVPLPQLRAYTVDASWLQPMAPLQIADHTWQIGTEDLTALLVQTPDGAVLLDGGMPQMASHLLDNMKARGVTPRDLRL
ILLSHAHADHAGPVAELKRRTGAKVAANAESAVLLARGGSDDLHFGDGITYPPANADRIVMDGEVITVGGIVFTAHFMAG
HTPGSTAWTWTDTRNGKPVRIAYADSLSAPGYQLQGNPRYPHLIEDYRRSFATVRALPCDVLLTPHPGASNWDYAAGARA
GAKALTCKAYADAAEQKFDGQLAKETAG
;
B
#
loop_
_chem_comp.id
_chem_comp.type
_chem_comp.name
_chem_comp.formula
5A5 non-polymer '2-azanyl-5-[(4-propan-2-ylphenyl)methyl]-1,3-thiazole-4-carboxylic acid' 'C14 H16 N2 O2 S'
GOL non-polymer GLYCEROL 'C3 H8 O3'
SCN non-polymer 'THIOCYANATE ION' 'C N S -1'
ZN non-polymer 'ZINC ION' 'Zn 2'
#
# COMPACT_ATOMS: atom_id res chain seq x y z
N GLU A 1 9.52 3.48 41.31
CA GLU A 1 10.55 4.51 41.32
C GLU A 1 11.08 4.73 39.91
N VAL A 2 11.76 5.85 39.69
CA VAL A 2 12.45 6.15 38.43
C VAL A 2 11.48 6.67 37.36
N PRO A 3 11.54 7.96 37.04
CA PRO A 3 10.67 8.48 35.97
C PRO A 3 10.85 7.76 34.64
N LEU A 4 9.72 7.53 33.96
CA LEU A 4 9.65 6.95 32.62
C LEU A 4 10.75 7.38 31.67
N PRO A 5 11.06 8.67 31.51
CA PRO A 5 12.16 9.04 30.60
C PRO A 5 13.53 8.58 31.08
N GLN A 6 13.63 8.12 32.32
CA GLN A 6 14.89 7.61 32.86
C GLN A 6 14.96 6.08 32.89
N LEU A 7 13.90 5.37 32.52
CA LEU A 7 13.98 3.92 32.59
C LEU A 7 14.80 3.29 31.46
N ARG A 8 14.97 3.97 30.32
CA ARG A 8 15.68 3.43 29.16
C ARG A 8 17.15 3.85 29.13
N ALA A 9 18.01 2.93 28.72
CA ALA A 9 19.42 3.25 28.42
C ALA A 9 19.70 2.87 26.97
N TYR A 10 19.87 3.88 26.12
CA TYR A 10 20.09 3.66 24.71
C TYR A 10 21.58 3.51 24.40
N THR A 11 21.91 2.52 23.58
CA THR A 11 23.27 2.39 23.04
C THR A 11 23.60 3.59 22.15
N VAL A 12 24.74 4.23 22.42
CA VAL A 12 25.17 5.43 21.71
C VAL A 12 26.67 5.35 21.45
N ASP A 13 27.06 5.23 20.19
CA ASP A 13 28.47 5.35 19.82
C ASP A 13 28.75 6.81 19.47
N ALA A 14 29.76 7.41 20.13
CA ALA A 14 30.16 8.76 19.76
C ALA A 14 30.42 8.93 18.26
N SER A 15 30.88 7.87 17.59
CA SER A 15 31.21 7.99 16.18
C SER A 15 29.98 8.05 15.27
N TRP A 16 28.80 7.64 15.76
CA TRP A 16 27.61 7.65 14.92
C TRP A 16 27.06 9.07 14.75
N LEU A 17 26.38 9.29 13.63
CA LEU A 17 25.61 10.51 13.42
C LEU A 17 26.46 11.78 13.57
N GLN A 18 27.62 11.80 12.96
CA GLN A 18 28.43 13.02 13.00
C GLN A 18 27.79 14.15 12.20
N PRO A 19 27.49 15.30 12.82
CA PRO A 19 26.89 16.40 12.05
C PRO A 19 27.83 16.92 10.96
N MET A 20 27.23 17.45 9.89
CA MET A 20 27.97 18.14 8.84
C MET A 20 27.18 19.37 8.41
N ALA A 21 27.89 20.28 7.76
CA ALA A 21 27.28 21.47 7.20
C ALA A 21 26.73 21.14 5.82
N PRO A 22 25.82 21.94 5.32
CA PRO A 22 25.24 21.65 4.00
C PRO A 22 26.32 21.43 2.96
N LEU A 23 26.20 20.33 2.23
CA LEU A 23 27.12 19.99 1.15
C LEU A 23 26.35 20.05 -0.17
N GLN A 24 26.81 20.91 -1.07
CA GLN A 24 26.05 21.14 -2.28
C GLN A 24 26.24 19.96 -3.22
N ILE A 25 25.13 19.43 -3.72
CA ILE A 25 25.15 18.38 -4.73
C ILE A 25 24.92 18.93 -6.12
N ALA A 26 24.05 19.93 -6.24
CA ALA A 26 23.75 20.61 -7.50
C ALA A 26 23.20 21.99 -7.16
N ASP A 27 22.67 22.71 -8.15
CA ASP A 27 22.38 24.12 -7.91
C ASP A 27 21.31 24.32 -6.85
N HIS A 28 20.38 23.38 -6.73
CA HIS A 28 19.32 23.50 -5.72
C HIS A 28 19.23 22.33 -4.75
N THR A 29 20.19 21.41 -4.75
CA THR A 29 20.12 20.14 -4.02
C THR A 29 21.33 20.07 -3.09
N TRP A 30 21.07 19.93 -1.78
CA TRP A 30 22.10 19.84 -0.76
C TRP A 30 21.89 18.63 0.13
N GLN A 31 23.00 18.05 0.58
CA GLN A 31 23.00 17.08 1.66
C GLN A 31 23.08 17.83 2.99
N ILE A 32 22.10 17.62 3.88
CA ILE A 32 22.07 18.36 5.12
C ILE A 32 21.94 17.43 6.32
N GLY A 33 22.12 16.12 6.09
CA GLY A 33 22.08 15.14 7.16
C GLY A 33 23.37 15.04 7.95
N THR A 34 23.80 13.82 8.25
CA THR A 34 25.05 13.58 8.94
C THR A 34 26.03 12.97 7.96
N GLU A 35 27.26 12.73 8.42
CA GLU A 35 28.25 12.15 7.53
C GLU A 35 27.82 10.75 7.08
N ASP A 36 27.08 10.03 7.94
CA ASP A 36 26.71 8.64 7.72
C ASP A 36 25.24 8.43 7.32
N LEU A 37 24.44 9.49 7.17
CA LEU A 37 23.04 9.36 6.78
C LEU A 37 22.57 10.50 5.88
N THR A 38 21.98 10.13 4.75
CA THR A 38 21.53 11.11 3.77
C THR A 38 20.23 11.78 4.22
N ALA A 39 20.19 13.10 4.04
CA ALA A 39 18.96 13.90 4.08
C ALA A 39 19.11 15.01 3.05
N LEU A 40 18.33 14.97 1.99
CA LEU A 40 18.54 15.90 0.87
C LEU A 40 17.53 17.02 0.93
N LEU A 41 18.03 18.25 0.86
CA LEU A 41 17.19 19.44 0.78
C LEU A 41 17.20 19.97 -0.64
N VAL A 42 16.01 20.19 -1.22
CA VAL A 42 15.89 20.76 -2.55
C VAL A 42 15.11 22.05 -2.42
N GLN A 43 15.79 23.17 -2.68
CA GLN A 43 15.24 24.51 -2.53
C GLN A 43 14.70 24.98 -3.87
N THR A 44 13.46 25.42 -3.87
CA THR A 44 12.78 25.96 -5.04
C THR A 44 12.18 27.30 -4.69
N PRO A 45 11.81 28.10 -5.69
CA PRO A 45 11.18 29.40 -5.39
C PRO A 45 9.84 29.25 -4.70
N ASP A 46 9.22 28.06 -4.76
CA ASP A 46 7.92 27.79 -4.16
C ASP A 46 8.00 26.89 -2.91
N GLY A 47 9.13 26.90 -2.22
CA GLY A 47 9.30 26.10 -1.01
C GLY A 47 10.35 25.02 -1.21
N ALA A 48 10.71 24.40 -0.08
CA ALA A 48 11.80 23.43 -0.03
C ALA A 48 11.23 22.03 0.14
N VAL A 49 11.91 21.05 -0.45
CA VAL A 49 11.59 19.63 -0.32
C VAL A 49 12.71 18.98 0.46
N LEU A 50 12.36 18.09 1.39
CA LEU A 50 13.33 17.29 2.12
C LEU A 50 13.08 15.82 1.82
N LEU A 51 14.09 15.14 1.33
CA LEU A 51 14.06 13.71 1.07
C LEU A 51 14.88 12.99 2.15
N ASP A 52 14.15 12.30 3.04
CA ASP A 52 14.61 11.67 4.28
C ASP A 52 15.08 12.63 5.36
N GLY A 53 15.09 12.15 6.60
CA GLY A 53 15.56 12.92 7.74
C GLY A 53 16.60 12.24 8.60
N GLY A 54 16.82 10.94 8.39
CA GLY A 54 17.74 10.18 9.21
C GLY A 54 17.12 9.66 10.49
N MET A 55 17.84 9.76 11.58
CA MET A 55 17.43 9.21 12.87
C MET A 55 16.53 10.19 13.65
N PRO A 56 15.72 9.68 14.57
CA PRO A 56 14.82 10.58 15.30
C PRO A 56 15.52 11.77 15.93
N GLN A 57 16.74 11.58 16.43
CA GLN A 57 17.36 12.68 17.16
C GLN A 57 17.87 13.79 16.24
N MET A 58 17.81 13.62 14.92
CA MET A 58 18.42 14.55 13.98
C MET A 58 17.55 15.77 13.63
N ALA A 59 16.38 15.91 14.24
CA ALA A 59 15.49 17.01 13.84
C ALA A 59 16.14 18.39 14.02
N SER A 60 16.73 18.64 15.17
CA SER A 60 17.21 20.00 15.41
C SER A 60 18.39 20.35 14.52
N HIS A 61 19.26 19.36 14.25
CA HIS A 61 20.35 19.58 13.31
C HIS A 61 19.81 19.86 11.92
N LEU A 62 18.75 19.14 11.49
CA LEU A 62 18.21 19.39 10.16
C LEU A 62 17.70 20.82 10.04
N LEU A 63 17.02 21.31 11.09
CA LEU A 63 16.48 22.65 11.10
C LEU A 63 17.58 23.71 11.09
N ASP A 64 18.68 23.46 11.81
CA ASP A 64 19.83 24.37 11.79
C ASP A 64 20.41 24.46 10.38
N ASN A 65 20.62 23.31 9.75
CA ASN A 65 21.10 23.32 8.38
C ASN A 65 20.10 23.96 7.43
N MET A 66 18.80 23.78 7.67
CA MET A 66 17.84 24.50 6.82
C MET A 66 17.99 26.00 6.98
N LYS A 67 18.11 26.47 8.23
CA LYS A 67 18.27 27.90 8.49
C LYS A 67 19.49 28.45 7.76
N ALA A 68 20.61 27.72 7.84
CA ALA A 68 21.83 28.12 7.14
C ALA A 68 21.61 28.27 5.63
N ARG A 69 20.74 27.45 5.06
CA ARG A 69 20.43 27.58 3.64
C ARG A 69 19.34 28.59 3.37
N GLY A 70 18.89 29.30 4.40
CA GLY A 70 17.84 30.27 4.24
C GLY A 70 16.43 29.69 4.18
N VAL A 71 16.23 28.49 4.69
CA VAL A 71 14.94 27.83 4.65
C VAL A 71 14.36 27.92 6.05
N THR A 72 13.28 28.71 6.23
CA THR A 72 12.69 28.83 7.55
C THR A 72 11.74 27.67 7.78
N PRO A 73 11.33 27.42 9.03
CA PRO A 73 10.30 26.37 9.25
C PRO A 73 9.07 26.53 8.36
N ARG A 74 8.65 27.76 8.04
CA ARG A 74 7.51 27.95 7.16
C ARG A 74 7.80 27.59 5.72
N ASP A 75 9.08 27.58 5.31
CA ASP A 75 9.43 27.35 3.92
C ASP A 75 9.51 25.87 3.57
N LEU A 76 9.67 24.99 4.55
CA LEU A 76 9.71 23.55 4.28
C LEU A 76 8.30 23.05 3.97
N ARG A 77 8.11 22.54 2.77
CA ARG A 77 6.79 22.27 2.24
C ARG A 77 6.49 20.80 2.09
N LEU A 78 7.49 19.97 1.79
CA LEU A 78 7.29 18.61 1.36
C LEU A 78 8.40 17.73 1.91
N ILE A 79 7.99 16.58 2.43
CA ILE A 79 8.89 15.51 2.84
C ILE A 79 8.57 14.27 2.04
N LEU A 80 9.62 13.66 1.46
CA LEU A 80 9.55 12.42 0.72
C LEU A 80 10.50 11.44 1.40
N LEU A 81 10.27 10.17 1.16
CA LEU A 81 10.93 9.12 1.89
C LEU A 81 11.42 8.05 0.94
N SER A 82 12.59 7.50 1.29
CA SER A 82 13.09 6.30 0.65
C SER A 82 12.34 5.08 1.20
N HIS A 83 12.52 4.80 2.49
CA HIS A 83 11.68 3.81 3.18
C HIS A 83 11.51 4.27 4.62
N ALA A 84 10.43 3.81 5.26
CA ALA A 84 9.97 4.32 6.54
C ALA A 84 10.55 3.51 7.70
N HIS A 85 11.88 3.38 7.73
CA HIS A 85 12.58 2.83 8.88
C HIS A 85 13.11 3.96 9.76
N ALA A 86 13.40 3.60 11.01
CA ALA A 86 13.79 4.60 12.01
C ALA A 86 14.99 5.44 11.60
N ASP A 87 15.95 4.88 10.85
CA ASP A 87 17.17 5.61 10.52
C ASP A 87 17.03 6.48 9.28
N HIS A 88 15.83 6.56 8.70
CA HIS A 88 15.58 7.38 7.53
C HIS A 88 14.35 8.26 7.68
N ALA A 89 13.33 7.78 8.36
CA ALA A 89 12.11 8.55 8.65
C ALA A 89 12.03 8.98 10.11
N GLY A 90 13.12 8.77 10.87
CA GLY A 90 13.09 9.00 12.30
C GLY A 90 12.46 10.29 12.79
N PRO A 91 12.89 11.42 12.25
CA PRO A 91 12.46 12.75 12.74
C PRO A 91 11.27 13.36 12.03
N VAL A 92 10.60 12.59 11.18
CA VAL A 92 9.52 13.15 10.35
C VAL A 92 8.40 13.72 11.22
N ALA A 93 7.97 12.96 12.23
CA ALA A 93 6.86 13.44 13.08
C ALA A 93 7.22 14.77 13.73
N GLU A 94 8.41 14.85 14.30
CA GLU A 94 8.84 16.09 14.92
C GLU A 94 8.98 17.22 13.91
N LEU A 95 9.56 16.93 12.74
CA LEU A 95 9.62 17.92 11.67
C LEU A 95 8.23 18.43 11.30
N LYS A 96 7.23 17.55 11.24
CA LYS A 96 5.89 18.03 10.92
C LYS A 96 5.35 18.97 12.00
N ARG A 97 5.68 18.70 13.26
CA ARG A 97 5.18 19.54 14.34
C ARG A 97 5.88 20.89 14.37
N ARG A 98 7.09 21.00 13.84
CA ARG A 98 7.93 22.18 13.98
C ARG A 98 8.00 22.99 12.69
N THR A 99 7.40 22.52 11.60
CA THR A 99 7.48 23.20 10.31
C THR A 99 6.15 23.11 9.60
N GLY A 100 6.06 23.72 8.41
CA GLY A 100 4.90 23.57 7.56
C GLY A 100 4.90 22.34 6.69
N ALA A 101 5.83 21.42 6.90
CA ALA A 101 6.03 20.35 5.95
C ALA A 101 4.88 19.36 5.93
N LYS A 102 4.58 18.83 4.75
CA LYS A 102 3.66 17.71 4.65
C LYS A 102 4.32 16.53 3.92
N VAL A 103 3.79 15.32 4.17
CA VAL A 103 4.42 14.06 3.75
C VAL A 103 3.66 13.45 2.60
N ALA A 104 4.38 13.09 1.53
CA ALA A 104 3.85 12.33 0.43
C ALA A 104 4.59 11.00 0.42
N ALA A 105 3.84 9.91 0.41
CA ALA A 105 4.44 8.59 0.42
C ALA A 105 3.48 7.60 -0.23
N ASN A 106 4.02 6.45 -0.62
CA ASN A 106 3.13 5.42 -1.13
C ASN A 106 2.42 4.70 0.04
N ALA A 107 1.41 3.90 -0.31
CA ALA A 107 0.57 3.32 0.73
C ALA A 107 1.40 2.47 1.70
N GLU A 108 2.35 1.70 1.19
CA GLU A 108 3.11 0.81 2.07
C GLU A 108 3.94 1.61 3.06
N SER A 109 4.59 2.65 2.58
CA SER A 109 5.41 3.48 3.45
C SER A 109 4.52 4.28 4.41
N ALA A 110 3.36 4.73 3.92
CA ALA A 110 2.42 5.44 4.77
C ALA A 110 1.93 4.58 5.95
N VAL A 111 1.61 3.29 5.70
CA VAL A 111 1.11 2.47 6.81
C VAL A 111 2.23 2.16 7.80
N LEU A 112 3.44 1.94 7.29
CA LEU A 112 4.60 1.69 8.17
C LEU A 112 4.95 2.93 8.99
N LEU A 113 4.95 4.11 8.36
CA LEU A 113 5.16 5.37 9.07
C LEU A 113 4.09 5.61 10.13
N ALA A 114 2.81 5.39 9.79
CA ALA A 114 1.72 5.66 10.72
C ALA A 114 1.78 4.76 11.95
N ARG A 115 2.44 3.61 11.87
CA ARG A 115 2.63 2.78 13.07
C ARG A 115 4.05 2.90 13.60
N GLY A 116 4.78 3.95 13.22
CA GLY A 116 6.10 4.22 13.79
C GLY A 116 7.10 3.11 13.59
N GLY A 117 7.03 2.41 12.47
CA GLY A 117 7.94 1.29 12.23
C GLY A 117 7.74 0.05 13.09
N SER A 118 6.69 0.00 13.88
CA SER A 118 6.37 -1.18 14.67
C SER A 118 5.85 -2.29 13.74
N ASP A 119 5.74 -3.49 14.27
CA ASP A 119 5.25 -4.66 13.50
C ASP A 119 5.97 -4.76 12.14
N ASP A 120 7.28 -4.62 12.18
CA ASP A 120 8.10 -4.70 10.97
C ASP A 120 8.10 -6.13 10.46
N LEU A 121 8.17 -6.29 9.13
CA LEU A 121 8.08 -7.63 8.56
C LEU A 121 9.20 -8.53 9.07
N HIS A 122 10.35 -7.95 9.35
CA HIS A 122 11.53 -8.73 9.71
C HIS A 122 12.04 -8.45 11.13
N PHE A 123 11.81 -7.27 11.66
CA PHE A 123 12.42 -6.88 12.93
C PHE A 123 11.41 -6.63 14.02
N GLY A 124 10.17 -7.06 13.84
CA GLY A 124 9.17 -6.95 14.89
C GLY A 124 9.05 -5.54 15.41
N ASP A 125 9.04 -5.40 16.74
CA ASP A 125 8.85 -4.13 17.41
C ASP A 125 10.16 -3.54 17.92
N GLY A 126 11.29 -4.01 17.43
CA GLY A 126 12.59 -3.58 17.90
C GLY A 126 13.14 -2.30 17.30
N ILE A 127 12.45 -1.70 16.34
CA ILE A 127 12.94 -0.52 15.65
C ILE A 127 11.83 0.53 15.55
N THR A 128 11.10 0.75 16.64
CA THR A 128 9.98 1.67 16.62
C THR A 128 10.47 3.12 16.80
N TYR A 129 9.76 4.06 16.19
CA TYR A 129 10.11 5.48 16.25
C TYR A 129 8.80 6.28 16.24
N PRO A 130 8.86 7.60 16.43
CA PRO A 130 7.61 8.37 16.52
C PRO A 130 6.78 8.28 15.23
N PRO A 131 5.52 7.90 15.33
CA PRO A 131 4.72 7.74 14.11
C PRO A 131 4.29 9.07 13.52
N ALA A 132 4.04 9.05 12.23
CA ALA A 132 3.55 10.23 11.53
C ALA A 132 2.54 9.84 10.47
N ASN A 133 1.67 10.78 10.15
CA ASN A 133 0.64 10.55 9.15
C ASN A 133 1.07 11.13 7.82
N ALA A 134 0.74 10.44 6.75
CA ALA A 134 0.98 10.93 5.41
C ALA A 134 -0.15 11.87 5.02
N ASP A 135 0.20 12.90 4.27
CA ASP A 135 -0.75 13.89 3.79
C ASP A 135 -1.19 13.63 2.35
N ARG A 136 -0.41 12.89 1.58
CA ARG A 136 -0.73 12.49 0.22
C ARG A 136 -0.21 11.10 -0.03
N ILE A 137 -1.01 10.29 -0.68
CA ILE A 137 -0.57 8.96 -1.09
C ILE A 137 -0.22 9.05 -2.57
N VAL A 138 0.94 8.52 -2.94
CA VAL A 138 1.37 8.46 -4.34
C VAL A 138 1.37 7.03 -4.88
N MET A 139 1.10 6.94 -6.17
CA MET A 139 1.15 5.72 -6.95
C MET A 139 2.48 5.65 -7.71
N ASP A 140 2.79 4.45 -8.20
CA ASP A 140 4.05 4.26 -8.89
C ASP A 140 4.07 5.13 -10.15
N GLY A 141 5.17 5.82 -10.39
CA GLY A 141 5.28 6.71 -11.53
C GLY A 141 4.65 8.08 -11.37
N GLU A 142 3.99 8.35 -10.24
CA GLU A 142 3.35 9.65 -10.03
C GLU A 142 4.39 10.74 -9.86
N VAL A 143 4.06 11.93 -10.36
CA VAL A 143 5.00 13.06 -10.33
C VAL A 143 4.45 14.12 -9.40
N ILE A 144 5.36 14.76 -8.67
CA ILE A 144 5.05 15.87 -7.78
C ILE A 144 5.90 17.04 -8.22
N THR A 145 5.26 18.18 -8.49
CA THR A 145 5.98 19.36 -8.96
C THR A 145 6.00 20.43 -7.87
N VAL A 146 7.19 20.87 -7.51
CA VAL A 146 7.38 21.94 -6.56
C VAL A 146 8.28 23.01 -7.22
N GLY A 147 7.76 24.21 -7.39
CA GLY A 147 8.54 25.31 -7.96
C GLY A 147 9.28 24.95 -9.22
N GLY A 148 8.63 24.23 -10.14
CA GLY A 148 9.29 23.87 -11.38
C GLY A 148 10.26 22.70 -11.31
N ILE A 149 10.47 22.10 -10.14
CA ILE A 149 11.25 20.87 -10.04
C ILE A 149 10.27 19.71 -9.97
N VAL A 150 10.51 18.69 -10.78
CA VAL A 150 9.57 17.60 -10.97
C VAL A 150 10.20 16.35 -10.35
N PHE A 151 9.54 15.80 -9.34
CA PHE A 151 9.98 14.57 -8.71
C PHE A 151 9.09 13.42 -9.16
N THR A 152 9.72 12.30 -9.53
CA THR A 152 8.99 11.10 -9.95
C THR A 152 9.28 9.95 -8.99
N ALA A 153 8.22 9.23 -8.61
CA ALA A 153 8.39 8.08 -7.74
C ALA A 153 8.57 6.82 -8.57
N HIS A 154 9.57 6.02 -8.21
CA HIS A 154 9.78 4.70 -8.78
C HIS A 154 9.77 3.66 -7.64
N PHE A 155 8.73 2.85 -7.56
CA PHE A 155 8.66 1.83 -6.52
C PHE A 155 9.74 0.80 -6.77
N MET A 156 10.41 0.39 -5.70
CA MET A 156 11.44 -0.66 -5.74
C MET A 156 11.34 -1.48 -4.44
N ALA A 157 10.20 -2.17 -4.30
CA ALA A 157 9.92 -3.03 -3.13
C ALA A 157 11.03 -4.06 -2.88
N GLY A 158 11.31 -4.30 -1.60
CA GLY A 158 12.26 -5.31 -1.16
C GLY A 158 12.76 -5.04 0.24
N HIS A 159 13.64 -4.04 0.36
CA HIS A 159 14.16 -3.71 1.67
C HIS A 159 13.01 -3.42 2.62
N THR A 160 12.00 -2.70 2.13
CA THR A 160 10.66 -2.63 2.72
C THR A 160 9.67 -2.74 1.58
N PRO A 161 8.44 -3.16 1.86
CA PRO A 161 7.45 -3.22 0.77
C PRO A 161 7.26 -1.89 0.07
N GLY A 162 7.42 -0.78 0.78
CA GLY A 162 7.22 0.56 0.25
C GLY A 162 8.48 1.25 -0.23
N SER A 163 9.61 0.55 -0.30
CA SER A 163 10.83 1.18 -0.76
C SER A 163 10.64 1.91 -2.09
N THR A 164 11.16 3.15 -2.17
CA THR A 164 10.95 4.05 -3.30
C THR A 164 12.24 4.74 -3.71
N ALA A 165 12.44 4.84 -5.03
CA ALA A 165 13.41 5.75 -5.59
C ALA A 165 12.70 7.02 -6.07
N TRP A 166 13.32 8.18 -5.81
CA TRP A 166 12.84 9.47 -6.31
C TRP A 166 13.86 10.07 -7.29
N THR A 167 13.39 10.52 -8.46
CA THR A 167 14.25 11.11 -9.48
C THR A 167 13.81 12.53 -9.75
N TRP A 168 14.78 13.43 -9.90
CA TRP A 168 14.48 14.78 -10.34
C TRP A 168 15.67 15.33 -11.13
N THR A 169 15.41 16.38 -11.90
CA THR A 169 16.41 16.98 -12.77
C THR A 169 16.77 18.33 -12.19
N ASP A 170 17.99 18.48 -11.75
CA ASP A 170 18.53 19.77 -11.36
C ASP A 170 19.43 20.28 -12.47
N THR A 171 20.15 21.35 -12.18
CA THR A 171 21.20 21.84 -13.07
C THR A 171 22.51 21.94 -12.30
N ARG A 172 23.59 21.77 -13.04
CA ARG A 172 24.92 21.90 -12.48
C ARG A 172 25.85 22.34 -13.60
N ASN A 173 26.48 23.51 -13.42
CA ASN A 173 27.32 24.11 -14.45
C ASN A 173 26.56 24.18 -15.78
N GLY A 174 25.40 24.82 -15.71
CA GLY A 174 24.55 24.97 -16.88
C GLY A 174 23.77 23.73 -17.28
N LYS A 175 24.46 22.61 -17.47
CA LYS A 175 23.78 21.44 -18.00
C LYS A 175 22.73 20.93 -17.00
N PRO A 176 21.70 20.27 -17.49
CA PRO A 176 20.82 19.54 -16.57
C PRO A 176 21.55 18.33 -16.03
N VAL A 177 21.23 17.97 -14.78
CA VAL A 177 21.78 16.79 -14.15
C VAL A 177 20.63 15.96 -13.58
N ARG A 178 20.57 14.70 -13.96
CA ARG A 178 19.48 13.81 -13.56
C ARG A 178 19.90 13.12 -12.27
N ILE A 179 19.25 13.50 -11.15
CA ILE A 179 19.57 12.97 -9.84
C ILE A 179 18.60 11.83 -9.53
N ALA A 180 19.13 10.71 -9.06
CA ALA A 180 18.36 9.52 -8.67
C ALA A 180 18.70 9.19 -7.22
N TYR A 181 17.71 9.34 -6.33
CA TYR A 181 17.85 8.96 -4.92
C TYR A 181 17.23 7.57 -4.79
N ALA A 182 18.08 6.55 -4.78
CA ALA A 182 17.64 5.17 -4.82
C ALA A 182 17.69 4.59 -3.42
N ASP A 183 16.63 3.89 -3.05
CA ASP A 183 16.57 3.30 -1.72
C ASP A 183 17.58 2.19 -1.57
N SER A 184 17.73 1.71 -0.34
CA SER A 184 18.50 0.51 -0.05
C SER A 184 18.01 -0.67 -0.84
N LEU A 185 18.96 -1.52 -1.24
CA LEU A 185 18.71 -2.81 -1.86
C LEU A 185 19.24 -3.96 -1.02
N SER A 186 19.62 -3.68 0.24
CA SER A 186 20.03 -4.73 1.17
C SER A 186 18.84 -5.55 1.69
N ALA A 187 19.18 -6.75 2.15
CA ALA A 187 18.26 -7.69 2.81
C ALA A 187 18.92 -8.28 4.06
N PRO A 188 19.23 -7.43 5.03
CA PRO A 188 20.19 -7.80 6.09
C PRO A 188 19.61 -8.70 7.17
N GLY A 189 20.05 -9.94 7.17
CA GLY A 189 19.50 -10.95 8.04
C GLY A 189 18.14 -11.44 7.63
N TYR A 190 17.60 -11.01 6.49
CA TYR A 190 16.21 -11.32 6.17
C TYR A 190 16.10 -12.78 5.79
N GLN A 191 15.02 -13.42 6.23
CA GLN A 191 14.63 -14.70 5.64
C GLN A 191 14.05 -14.44 4.25
N LEU A 192 14.74 -14.92 3.22
CA LEU A 192 14.35 -14.60 1.84
C LEU A 192 13.30 -15.55 1.28
N GLN A 193 13.41 -16.86 1.56
CA GLN A 193 12.54 -17.86 0.96
C GLN A 193 11.57 -18.39 2.01
N GLY A 194 10.32 -18.57 1.61
CA GLY A 194 9.32 -19.10 2.51
C GLY A 194 9.01 -18.20 3.68
N ASN A 195 9.16 -16.90 3.50
CA ASN A 195 8.91 -15.93 4.55
C ASN A 195 7.41 -15.66 4.58
N PRO A 196 6.69 -16.07 5.63
CA PRO A 196 5.22 -15.91 5.57
C PRO A 196 4.78 -14.47 5.51
N ARG A 197 5.58 -13.53 6.03
CA ARG A 197 5.20 -12.14 5.98
C ARG A 197 5.50 -11.48 4.64
N TYR A 198 6.28 -12.14 3.78
CA TYR A 198 6.64 -11.55 2.49
C TYR A 198 6.85 -12.68 1.49
N PRO A 199 5.76 -13.30 1.02
CA PRO A 199 5.91 -14.48 0.16
C PRO A 199 6.63 -14.20 -1.15
N HIS A 200 6.46 -13.03 -1.76
CA HIS A 200 7.11 -12.72 -3.04
C HIS A 200 8.35 -11.85 -2.91
N LEU A 201 9.05 -11.97 -1.78
CA LEU A 201 10.23 -11.14 -1.52
C LEU A 201 11.26 -11.29 -2.65
N ILE A 202 11.57 -12.52 -3.02
CA ILE A 202 12.64 -12.69 -4.01
C ILE A 202 12.26 -12.06 -5.36
N GLU A 203 11.03 -12.29 -5.80
CA GLU A 203 10.56 -11.70 -7.04
C GLU A 203 10.56 -10.17 -6.98
N ASP A 204 10.16 -9.58 -5.84
CA ASP A 204 10.21 -8.13 -5.72
C ASP A 204 11.66 -7.62 -5.79
N TYR A 205 12.60 -8.26 -5.07
CA TYR A 205 13.96 -7.77 -5.13
C TYR A 205 14.49 -7.83 -6.57
N ARG A 206 14.22 -8.94 -7.29
CA ARG A 206 14.70 -9.10 -8.66
C ARG A 206 14.23 -7.97 -9.56
N ARG A 207 12.94 -7.61 -9.44
CA ARG A 207 12.41 -6.50 -10.23
C ARG A 207 13.00 -5.16 -9.81
N SER A 208 13.30 -4.95 -8.52
CA SER A 208 13.86 -3.69 -8.08
C SER A 208 15.32 -3.51 -8.51
N PHE A 209 16.12 -4.59 -8.52
CA PHE A 209 17.44 -4.52 -9.17
C PHE A 209 17.31 -3.96 -10.59
N ALA A 210 16.34 -4.47 -11.36
CA ALA A 210 16.20 -4.03 -12.75
C ALA A 210 15.68 -2.61 -12.82
N THR A 211 14.75 -2.24 -11.93
CA THR A 211 14.27 -0.85 -11.87
C THR A 211 15.39 0.12 -11.55
N VAL A 212 16.27 -0.22 -10.62
CA VAL A 212 17.31 0.74 -10.25
C VAL A 212 18.28 0.87 -11.41
N ARG A 213 18.66 -0.26 -12.01
CA ARG A 213 19.60 -0.28 -13.14
C ARG A 213 19.16 0.70 -14.23
N ALA A 214 17.86 0.83 -14.43
CA ALA A 214 17.30 1.58 -15.54
C ALA A 214 16.85 2.99 -15.18
N LEU A 215 17.20 3.47 -14.01
CA LEU A 215 16.74 4.79 -13.62
C LEU A 215 17.44 5.86 -14.46
N PRO A 216 16.76 6.96 -14.78
CA PRO A 216 17.46 8.14 -15.29
C PRO A 216 18.39 8.67 -14.22
N CYS A 217 19.69 8.67 -14.52
CA CYS A 217 20.69 8.64 -13.45
C CYS A 217 22.02 9.19 -14.00
N ASP A 218 22.18 10.51 -13.90
CA ASP A 218 23.51 11.10 -14.00
C ASP A 218 24.23 11.06 -12.67
N VAL A 219 23.51 11.16 -11.54
CA VAL A 219 24.09 11.19 -10.20
C VAL A 219 23.22 10.31 -9.31
N LEU A 220 23.81 9.23 -8.77
CA LEU A 220 23.15 8.34 -7.81
C LEU A 220 23.47 8.81 -6.40
N LEU A 221 22.44 8.92 -5.54
CA LEU A 221 22.64 9.03 -4.10
C LEU A 221 21.81 7.97 -3.38
N THR A 222 22.22 7.57 -2.17
CA THR A 222 21.53 6.49 -1.45
C THR A 222 21.39 6.87 0.01
N PRO A 223 20.36 6.33 0.70
CA PRO A 223 20.12 6.73 2.10
C PRO A 223 21.32 6.54 3.00
N HIS A 224 22.04 5.43 2.84
CA HIS A 224 23.36 5.27 3.44
C HIS A 224 24.39 5.63 2.39
N PRO A 225 25.14 6.72 2.56
CA PRO A 225 26.08 7.14 1.50
C PRO A 225 27.10 6.09 1.12
N GLY A 226 27.54 5.28 2.09
CA GLY A 226 28.49 4.20 1.80
C GLY A 226 28.01 3.24 0.74
N ALA A 227 26.70 3.08 0.65
CA ALA A 227 26.13 2.08 -0.26
C ALA A 227 26.37 2.45 -1.71
N SER A 228 26.52 3.75 -2.01
CA SER A 228 26.82 4.19 -3.37
C SER A 228 28.22 4.79 -3.46
N ASN A 229 29.07 4.48 -2.48
CA ASN A 229 30.47 4.95 -2.37
C ASN A 229 30.59 6.48 -2.40
N TRP A 230 29.64 7.16 -1.77
CA TRP A 230 29.82 8.56 -1.41
C TRP A 230 30.59 8.67 -0.11
N ASP A 231 31.33 9.78 0.04
CA ASP A 231 32.01 10.16 1.28
C ASP A 231 31.66 11.61 1.56
N TYR A 232 30.65 11.85 2.42
CA TYR A 232 30.15 13.20 2.60
C TYR A 232 31.17 14.09 3.32
N ALA A 233 32.04 13.50 4.14
CA ALA A 233 33.02 14.32 4.82
C ALA A 233 34.06 14.90 3.86
N ALA A 234 34.27 14.29 2.68
CA ALA A 234 35.34 14.69 1.75
C ALA A 234 35.04 15.96 0.97
N GLY A 235 34.11 16.79 1.42
CA GLY A 235 33.93 18.08 0.79
C GLY A 235 33.68 17.95 -0.70
N ALA A 236 34.40 18.72 -1.49
CA ALA A 236 34.16 18.75 -2.93
C ALA A 236 34.53 17.44 -3.61
N ARG A 237 35.21 16.53 -2.91
CA ARG A 237 35.48 15.21 -3.46
C ARG A 237 34.42 14.17 -3.09
N ALA A 238 33.34 14.59 -2.44
CA ALA A 238 32.44 13.63 -1.79
C ALA A 238 31.89 12.62 -2.78
N GLY A 239 31.56 13.07 -3.99
CA GLY A 239 31.03 12.22 -5.02
C GLY A 239 32.06 11.63 -5.97
N ALA A 240 33.36 11.81 -5.72
CA ALA A 240 34.37 11.45 -6.71
C ALA A 240 34.22 10.01 -7.19
N LYS A 241 33.95 9.09 -6.27
CA LYS A 241 33.95 7.66 -6.59
C LYS A 241 32.55 7.04 -6.53
N ALA A 242 31.51 7.85 -6.72
CA ALA A 242 30.15 7.36 -6.57
C ALA A 242 29.81 6.34 -7.65
N LEU A 243 29.15 5.26 -7.22
CA LEU A 243 28.66 4.24 -8.13
C LEU A 243 27.67 4.82 -9.12
N THR A 244 27.59 4.20 -10.28
CA THR A 244 26.46 4.35 -11.19
C THR A 244 25.29 3.55 -10.63
N CYS A 245 24.09 3.83 -11.16
CA CYS A 245 22.92 3.01 -10.83
C CYS A 245 23.13 1.55 -11.21
N LYS A 246 23.68 1.29 -12.40
CA LYS A 246 23.95 -0.09 -12.82
C LYS A 246 24.83 -0.81 -11.81
N ALA A 247 25.90 -0.17 -11.37
CA ALA A 247 26.87 -0.84 -10.52
C ALA A 247 26.31 -1.05 -9.14
N TYR A 248 25.58 -0.06 -8.62
CA TYR A 248 24.90 -0.20 -7.34
C TYR A 248 23.95 -1.39 -7.37
N ALA A 249 23.11 -1.45 -8.40
CA ALA A 249 22.19 -2.58 -8.56
C ALA A 249 22.94 -3.91 -8.72
N ASP A 250 24.01 -3.91 -9.53
CA ASP A 250 24.76 -5.15 -9.77
C ASP A 250 25.37 -5.69 -8.49
N ALA A 251 25.98 -4.81 -7.70
CA ALA A 251 26.59 -5.20 -6.44
C ALA A 251 25.54 -5.77 -5.48
N ALA A 252 24.42 -5.07 -5.37
CA ALA A 252 23.32 -5.57 -4.54
C ALA A 252 22.83 -6.94 -5.02
N GLU A 253 22.74 -7.14 -6.32
CA GLU A 253 22.20 -8.42 -6.75
C GLU A 253 23.19 -9.55 -6.47
N GLN A 254 24.50 -9.26 -6.57
CA GLN A 254 25.47 -10.31 -6.29
C GLN A 254 25.48 -10.67 -4.82
N LYS A 255 25.41 -9.67 -3.94
CA LYS A 255 25.29 -9.96 -2.52
C LYS A 255 24.03 -10.79 -2.26
N PHE A 256 22.89 -10.34 -2.78
CA PHE A 256 21.63 -11.06 -2.57
C PHE A 256 21.73 -12.51 -3.04
N ASP A 257 22.29 -12.73 -4.23
CA ASP A 257 22.41 -14.11 -4.73
C ASP A 257 23.26 -14.96 -3.79
N GLY A 258 24.29 -14.35 -3.20
CA GLY A 258 25.12 -15.04 -2.23
C GLY A 258 24.38 -15.41 -0.97
N GLN A 259 23.55 -14.49 -0.45
CA GLN A 259 22.77 -14.79 0.75
C GLN A 259 21.79 -15.90 0.46
N LEU A 260 21.19 -15.86 -0.72
CA LEU A 260 20.19 -16.85 -1.06
C LEU A 260 20.82 -18.22 -1.23
N ALA A 261 22.02 -18.28 -1.80
CA ALA A 261 22.74 -19.57 -1.85
C ALA A 261 23.00 -20.09 -0.45
N LYS A 262 23.40 -19.23 0.49
CA LYS A 262 23.70 -19.67 1.85
C LYS A 262 22.46 -20.18 2.57
N GLU A 263 21.33 -19.49 2.39
CA GLU A 263 20.08 -19.87 3.06
C GLU A 263 19.58 -21.20 2.56
N THR A 264 19.85 -21.47 1.29
CA THR A 264 19.34 -22.61 0.55
C THR A 264 20.21 -23.85 0.72
N ALA A 265 21.43 -23.68 1.21
CA ALA A 265 22.33 -24.80 1.42
C ALA A 265 21.87 -25.68 2.58
N GLY A 266 22.07 -27.00 2.46
CA GLY A 266 21.79 -27.90 3.56
C GLY A 266 22.77 -27.71 4.72
N ALA A 267 22.36 -28.17 5.90
CA ALA A 267 23.15 -28.01 7.13
C ALA A 267 24.22 -29.10 7.25
N SER B 1 -32.53 26.92 5.47
N SER B 1 -30.44 27.31 5.26
CA SER B 1 -31.11 26.56 5.78
CA SER B 1 -30.51 26.05 6.02
C SER B 1 -30.81 26.34 7.31
C SER B 1 -30.58 26.24 7.54
N ALA B 2 -30.93 27.43 8.05
CA ALA B 2 -30.92 27.53 9.51
C ALA B 2 -31.90 26.56 10.16
N GLU B 3 -31.48 25.99 11.30
CA GLU B 3 -32.25 25.10 12.16
C GLU B 3 -32.60 23.77 11.52
N VAL B 4 -32.06 23.43 10.35
CA VAL B 4 -32.33 22.11 9.79
C VAL B 4 -31.43 21.09 10.48
N PRO B 5 -31.98 20.04 11.11
CA PRO B 5 -31.13 19.02 11.73
C PRO B 5 -30.15 18.40 10.73
N LEU B 6 -28.91 18.22 11.16
CA LEU B 6 -27.89 17.66 10.30
C LEU B 6 -28.31 16.38 9.61
N PRO B 7 -28.95 15.43 10.27
CA PRO B 7 -29.30 14.20 9.54
C PRO B 7 -30.11 14.51 8.30
N GLN B 8 -30.94 15.56 8.37
CA GLN B 8 -31.72 15.93 7.18
C GLN B 8 -30.87 16.68 6.17
N LEU B 9 -29.96 17.55 6.63
CA LEU B 9 -29.08 18.28 5.74
C LEU B 9 -28.15 17.36 4.97
N ARG B 10 -27.85 16.19 5.53
CA ARG B 10 -26.96 15.22 4.89
C ARG B 10 -27.68 13.94 4.45
N ALA B 11 -28.98 14.03 4.23
CA ALA B 11 -29.75 12.86 3.89
C ALA B 11 -29.48 12.42 2.46
N TYR B 12 -29.48 11.11 2.22
CA TYR B 12 -29.48 10.60 0.85
C TYR B 12 -30.20 9.27 0.81
N THR B 13 -30.54 8.83 -0.41
CA THR B 13 -31.24 7.57 -0.63
C THR B 13 -30.53 6.77 -1.71
N VAL B 14 -30.80 5.47 -1.72
CA VAL B 14 -30.45 4.59 -2.82
C VAL B 14 -31.69 3.86 -3.29
N ASP B 15 -31.60 3.33 -4.50
CA ASP B 15 -32.62 2.40 -5.00
C ASP B 15 -32.91 1.33 -3.95
N ALA B 16 -34.18 1.23 -3.53
CA ALA B 16 -34.52 0.25 -2.52
C ALA B 16 -34.18 -1.18 -2.93
N SER B 17 -33.87 -1.42 -4.22
CA SER B 17 -33.53 -2.78 -4.67
C SER B 17 -32.23 -3.26 -4.05
N TRP B 18 -31.26 -2.36 -3.89
CA TRP B 18 -30.00 -2.76 -3.27
C TRP B 18 -30.23 -3.39 -1.91
N LEU B 19 -31.17 -2.85 -1.13
CA LEU B 19 -31.57 -3.40 0.16
C LEU B 19 -32.67 -4.42 -0.07
N GLN B 20 -32.32 -5.70 -0.07
CA GLN B 20 -33.26 -6.74 -0.41
C GLN B 20 -34.27 -6.93 0.72
N PRO B 21 -34.02 -7.82 1.70
CA PRO B 21 -33.01 -8.83 2.03
C PRO B 21 -33.16 -10.19 1.30
N MET B 22 -32.22 -11.08 1.57
CA MET B 22 -32.16 -12.40 0.96
C MET B 22 -31.69 -13.36 2.05
N ALA B 23 -32.27 -14.55 2.08
CA ALA B 23 -31.84 -15.53 3.05
C ALA B 23 -30.49 -16.11 2.63
N PRO B 24 -29.77 -16.70 3.57
CA PRO B 24 -28.47 -17.32 3.21
C PRO B 24 -28.60 -18.35 2.08
N LEU B 25 -27.64 -18.30 1.13
CA LEU B 25 -27.55 -19.21 -0.01
C LEU B 25 -26.25 -20.01 0.10
N GLN B 26 -26.36 -21.35 0.16
CA GLN B 26 -25.15 -22.17 0.32
C GLN B 26 -24.36 -22.29 -0.98
N ILE B 27 -23.06 -22.05 -0.89
CA ILE B 27 -22.16 -22.20 -2.03
C ILE B 27 -21.35 -23.48 -1.91
N ALA B 28 -20.94 -23.84 -0.70
CA ALA B 28 -20.21 -25.07 -0.43
C ALA B 28 -20.46 -25.45 1.03
N ASP B 29 -19.77 -26.49 1.52
CA ASP B 29 -20.12 -27.01 2.83
C ASP B 29 -19.98 -25.96 3.94
N HIS B 30 -19.05 -25.01 3.81
CA HIS B 30 -18.87 -23.99 4.86
C HIS B 30 -19.08 -22.57 4.36
N THR B 31 -19.42 -22.38 3.10
CA THR B 31 -19.37 -21.08 2.43
C THR B 31 -20.79 -20.70 2.01
N TRP B 32 -21.25 -19.52 2.45
CA TRP B 32 -22.61 -19.03 2.21
C TRP B 32 -22.60 -17.60 1.67
N GLN B 33 -23.46 -17.32 0.70
CA GLN B 33 -23.80 -15.94 0.35
C GLN B 33 -24.83 -15.42 1.34
N ILE B 34 -24.53 -14.27 1.98
CA ILE B 34 -25.44 -13.73 2.99
C ILE B 34 -25.72 -12.24 2.76
N GLY B 35 -25.32 -11.72 1.61
CA GLY B 35 -25.61 -10.34 1.27
C GLY B 35 -27.00 -10.16 0.67
N THR B 36 -27.08 -9.47 -0.46
CA THR B 36 -28.34 -9.23 -1.16
C THR B 36 -28.28 -9.87 -2.54
N GLU B 37 -29.41 -9.84 -3.24
CA GLU B 37 -29.46 -10.38 -4.59
C GLU B 37 -28.39 -9.79 -5.51
N ASP B 38 -28.00 -8.53 -5.28
CA ASP B 38 -27.12 -7.81 -6.17
C ASP B 38 -25.74 -7.50 -5.59
N LEU B 39 -25.48 -7.87 -4.35
CA LEU B 39 -24.18 -7.63 -3.73
C LEU B 39 -23.74 -8.87 -2.97
N THR B 40 -22.56 -9.38 -3.32
CA THR B 40 -21.98 -10.50 -2.60
C THR B 40 -21.43 -10.12 -1.23
N ALA B 41 -21.73 -10.97 -0.25
CA ALA B 41 -21.07 -10.97 1.07
C ALA B 41 -20.97 -12.43 1.50
N LEU B 42 -19.75 -12.95 1.52
CA LEU B 42 -19.53 -14.39 1.74
C LEU B 42 -19.14 -14.67 3.16
N LEU B 43 -19.89 -15.59 3.78
CA LEU B 43 -19.62 -16.09 5.13
C LEU B 43 -19.03 -17.48 5.02
N VAL B 44 -17.89 -17.69 5.69
CA VAL B 44 -17.22 -18.98 5.76
C VAL B 44 -17.18 -19.38 7.22
N GLN B 45 -17.93 -20.41 7.59
CA GLN B 45 -18.05 -20.84 8.96
C GLN B 45 -17.04 -21.95 9.23
N THR B 46 -16.28 -21.82 10.30
CA THR B 46 -15.33 -22.84 10.73
C THR B 46 -15.51 -23.17 12.20
N PRO B 47 -14.89 -24.26 12.66
CA PRO B 47 -14.97 -24.58 14.08
C PRO B 47 -14.19 -23.63 14.98
N ASP B 48 -13.44 -22.70 14.42
CA ASP B 48 -12.65 -21.77 15.20
C ASP B 48 -13.03 -20.35 14.86
N GLY B 49 -14.27 -20.15 14.42
CA GLY B 49 -14.81 -18.85 14.09
C GLY B 49 -15.14 -18.71 12.61
N ALA B 50 -15.84 -17.62 12.31
CA ALA B 50 -16.33 -17.32 10.96
C ALA B 50 -15.54 -16.20 10.33
N VAL B 51 -15.48 -16.23 9.00
CA VAL B 51 -14.86 -15.24 8.16
C VAL B 51 -15.93 -14.61 7.27
N LEU B 52 -15.87 -13.29 7.11
CA LEU B 52 -16.74 -12.57 6.19
C LEU B 52 -15.89 -11.88 5.12
N LEU B 53 -16.21 -12.15 3.86
CA LEU B 53 -15.56 -11.52 2.72
C LEU B 53 -16.55 -10.53 2.11
N ASP B 54 -16.27 -9.25 2.29
CA ASP B 54 -17.10 -8.10 1.93
C ASP B 54 -18.37 -8.00 2.76
N GLY B 55 -18.97 -6.81 2.76
CA GLY B 55 -20.21 -6.60 3.48
C GLY B 55 -21.28 -5.90 2.66
N GLY B 56 -20.95 -5.41 1.48
CA GLY B 56 -21.95 -4.67 0.73
C GLY B 56 -21.98 -3.21 1.11
N MET B 57 -23.18 -2.63 1.10
CA MET B 57 -23.32 -1.20 1.31
C MET B 57 -23.45 -0.87 2.80
N PRO B 58 -23.26 0.40 3.16
CA PRO B 58 -23.26 0.80 4.58
C PRO B 58 -24.50 0.44 5.33
N GLN B 59 -25.65 0.44 4.66
CA GLN B 59 -26.93 0.15 5.28
C GLN B 59 -27.09 -1.31 5.68
N MET B 60 -26.15 -2.20 5.35
CA MET B 60 -26.40 -3.64 5.39
C MET B 60 -25.92 -4.33 6.67
N ALA B 61 -25.43 -3.59 7.66
CA ALA B 61 -24.87 -4.24 8.85
C ALA B 61 -25.91 -5.13 9.54
N SER B 62 -27.10 -4.61 9.83
CA SER B 62 -28.10 -5.43 10.51
C SER B 62 -28.55 -6.61 9.68
N HIS B 63 -28.67 -6.44 8.35
CA HIS B 63 -29.02 -7.56 7.50
C HIS B 63 -27.95 -8.65 7.56
N LEU B 64 -26.68 -8.26 7.51
CA LEU B 64 -25.62 -9.25 7.58
C LEU B 64 -25.65 -10.01 8.91
N LEU B 65 -25.85 -9.29 10.00
CA LEU B 65 -25.86 -9.90 11.31
C LEU B 65 -27.08 -10.79 11.47
N ASP B 66 -28.20 -10.43 10.85
CA ASP B 66 -29.38 -11.31 10.88
C ASP B 66 -29.13 -12.60 10.11
N ASN B 67 -28.47 -12.52 8.97
CA ASN B 67 -28.16 -13.75 8.26
C ASN B 67 -27.13 -14.59 9.02
N MET B 68 -26.16 -13.95 9.71
CA MET B 68 -25.17 -14.70 10.48
C MET B 68 -25.85 -15.46 11.61
N LYS B 69 -26.79 -14.83 12.31
CA LYS B 69 -27.47 -15.55 13.39
C LYS B 69 -28.26 -16.73 12.85
N ALA B 70 -28.86 -16.57 11.65
CA ALA B 70 -29.57 -17.68 11.03
C ALA B 70 -28.65 -18.86 10.75
N ARG B 71 -27.38 -18.59 10.52
CA ARG B 71 -26.39 -19.63 10.26
C ARG B 71 -25.70 -20.13 11.53
N GLY B 72 -26.03 -19.60 12.69
CA GLY B 72 -25.38 -19.98 13.93
C GLY B 72 -24.15 -19.19 14.33
N VAL B 73 -23.86 -18.07 13.68
CA VAL B 73 -22.68 -17.25 13.99
C VAL B 73 -23.11 -16.06 14.84
N THR B 74 -22.75 -16.08 16.11
CA THR B 74 -23.03 -14.94 16.98
C THR B 74 -22.00 -13.85 16.80
N PRO B 75 -22.23 -12.69 17.40
CA PRO B 75 -21.27 -11.59 17.24
C PRO B 75 -19.90 -11.93 17.71
N ARG B 76 -19.76 -12.74 18.77
CA ARG B 76 -18.45 -13.17 19.26
C ARG B 76 -17.79 -14.20 18.37
N ASP B 77 -18.53 -14.87 17.49
CA ASP B 77 -17.95 -15.91 16.65
C ASP B 77 -17.38 -15.35 15.34
N LEU B 78 -17.71 -14.10 14.99
CA LEU B 78 -17.19 -13.50 13.78
C LEU B 78 -15.79 -12.98 14.08
N ARG B 79 -14.80 -13.60 13.46
CA ARG B 79 -13.40 -13.43 13.80
C ARG B 79 -12.65 -12.53 12.83
N LEU B 80 -12.96 -12.62 11.54
CA LEU B 80 -12.15 -12.04 10.50
C LEU B 80 -13.02 -11.50 9.39
N ILE B 81 -12.65 -10.32 8.91
CA ILE B 81 -13.28 -9.67 7.76
C ILE B 81 -12.18 -9.45 6.73
N LEU B 82 -12.40 -9.95 5.52
CA LEU B 82 -11.61 -9.70 4.32
C LEU B 82 -12.42 -8.89 3.32
N LEU B 83 -11.70 -8.20 2.44
CA LEU B 83 -12.29 -7.31 1.44
C LEU B 83 -11.74 -7.57 0.05
N SER B 84 -12.64 -7.48 -0.94
CA SER B 84 -12.22 -7.43 -2.33
C SER B 84 -11.62 -6.07 -2.68
N HIS B 85 -12.36 -4.98 -2.41
CA HIS B 85 -11.82 -3.63 -2.50
C HIS B 85 -12.68 -2.71 -1.66
N ALA B 86 -12.06 -1.57 -1.27
CA ALA B 86 -12.58 -0.73 -0.20
C ALA B 86 -13.43 0.42 -0.73
N HIS B 87 -14.33 0.15 -1.69
CA HIS B 87 -15.40 1.07 -2.11
C HIS B 87 -16.64 0.92 -1.22
N ALA B 88 -17.45 1.98 -1.21
CA ALA B 88 -18.56 2.03 -0.27
C ALA B 88 -19.57 0.92 -0.49
N ASP B 89 -19.69 0.39 -1.73
CA ASP B 89 -20.68 -0.65 -1.98
C ASP B 89 -20.19 -2.06 -1.65
N HIS B 90 -18.98 -2.22 -1.10
CA HIS B 90 -18.45 -3.53 -0.72
C HIS B 90 -17.92 -3.53 0.69
N ALA B 91 -17.34 -2.42 1.14
CA ALA B 91 -16.85 -2.29 2.50
C ALA B 91 -17.72 -1.41 3.38
N GLY B 92 -18.89 -0.97 2.89
CA GLY B 92 -19.64 0.06 3.57
C GLY B 92 -19.93 -0.18 5.04
N PRO B 93 -20.29 -1.40 5.43
CA PRO B 93 -20.70 -1.65 6.82
C PRO B 93 -19.59 -2.20 7.72
N VAL B 94 -18.36 -2.20 7.24
CA VAL B 94 -17.25 -2.85 7.98
C VAL B 94 -17.05 -2.20 9.35
N ALA B 95 -17.01 -0.88 9.38
CA ALA B 95 -16.75 -0.20 10.65
C ALA B 95 -17.82 -0.53 11.68
N GLU B 96 -19.10 -0.56 11.26
CA GLU B 96 -20.19 -0.88 12.17
C GLU B 96 -20.12 -2.33 12.61
N LEU B 97 -19.77 -3.23 11.69
CA LEU B 97 -19.57 -4.62 12.07
C LEU B 97 -18.45 -4.75 13.10
N LYS B 98 -17.36 -4.02 12.92
CA LYS B 98 -16.30 -4.07 13.93
C LYS B 98 -16.83 -3.63 15.29
N ARG B 99 -17.70 -2.60 15.33
CA ARG B 99 -18.20 -2.13 16.61
C ARG B 99 -19.15 -3.14 17.25
N ARG B 100 -19.84 -3.94 16.45
CA ARG B 100 -20.89 -4.80 16.96
C ARG B 100 -20.48 -6.27 17.11
N THR B 101 -19.25 -6.62 16.75
CA THR B 101 -18.78 -8.00 16.81
C THR B 101 -17.33 -8.04 17.26
N GLY B 102 -16.80 -9.24 17.46
CA GLY B 102 -15.38 -9.39 17.69
C GLY B 102 -14.51 -9.35 16.45
N ALA B 103 -15.07 -9.04 15.29
CA ALA B 103 -14.31 -9.19 14.05
C ALA B 103 -13.16 -8.19 13.92
N LYS B 104 -12.07 -8.65 13.32
CA LYS B 104 -10.96 -7.80 12.93
C LYS B 104 -10.73 -7.90 11.42
N VAL B 105 -10.11 -6.87 10.85
CA VAL B 105 -9.97 -6.73 9.41
C VAL B 105 -8.51 -7.01 9.01
N ALA B 106 -8.32 -7.89 8.03
CA ALA B 106 -7.03 -8.06 7.37
C ALA B 106 -7.16 -7.53 5.94
N ALA B 107 -6.21 -6.68 5.55
CA ALA B 107 -6.24 -6.06 4.24
C ALA B 107 -4.84 -5.65 3.81
N ASN B 108 -4.69 -5.50 2.49
CA ASN B 108 -3.41 -5.00 2.04
C ASN B 108 -3.31 -3.49 2.27
N ALA B 109 -2.08 -2.98 2.14
CA ALA B 109 -1.80 -1.59 2.50
C ALA B 109 -2.68 -0.61 1.71
N GLU B 110 -2.82 -0.83 0.41
CA GLU B 110 -3.68 0.04 -0.40
C GLU B 110 -5.13 0.02 0.10
N SER B 111 -5.67 -1.16 0.32
CA SER B 111 -7.06 -1.24 0.80
C SER B 111 -7.20 -0.65 2.20
N ALA B 112 -6.21 -0.88 3.05
CA ALA B 112 -6.21 -0.34 4.40
C ALA B 112 -6.26 1.19 4.38
N VAL B 113 -5.47 1.86 3.53
CA VAL B 113 -5.47 3.33 3.59
C VAL B 113 -6.79 3.89 3.07
N LEU B 114 -7.36 3.25 2.06
CA LEU B 114 -8.62 3.72 1.51
C LEU B 114 -9.77 3.48 2.51
N LEU B 115 -9.75 2.32 3.17
CA LEU B 115 -10.71 2.01 4.22
C LEU B 115 -10.59 3.00 5.39
N ALA B 116 -9.37 3.32 5.81
CA ALA B 116 -9.16 4.22 6.93
C ALA B 116 -9.61 5.64 6.61
N ARG B 117 -9.69 6.00 5.35
CA ARG B 117 -10.27 7.30 5.04
C ARG B 117 -11.68 7.19 4.46
N GLY B 118 -12.36 6.08 4.70
CA GLY B 118 -13.78 5.91 4.36
C GLY B 118 -14.11 6.16 2.91
N GLY B 119 -13.22 5.73 2.01
CA GLY B 119 -13.36 5.91 0.57
C GLY B 119 -13.22 7.32 0.05
N SER B 120 -12.82 8.28 0.89
CA SER B 120 -12.56 9.65 0.44
C SER B 120 -11.24 9.72 -0.32
N ASP B 121 -11.02 10.83 -1.02
CA ASP B 121 -9.83 11.03 -1.86
C ASP B 121 -9.59 9.84 -2.78
N ASP B 122 -10.67 9.35 -3.41
CA ASP B 122 -10.59 8.24 -4.35
C ASP B 122 -9.83 8.70 -5.59
N LEU B 123 -9.08 7.78 -6.20
CA LEU B 123 -8.28 8.17 -7.37
C LEU B 123 -9.13 8.73 -8.50
N HIS B 124 -10.33 8.19 -8.68
CA HIS B 124 -11.20 8.58 -9.77
C HIS B 124 -12.41 9.40 -9.34
N PHE B 125 -12.93 9.22 -8.13
CA PHE B 125 -14.20 9.83 -7.73
C PHE B 125 -14.08 10.85 -6.61
N GLY B 126 -12.87 11.24 -6.24
CA GLY B 126 -12.70 12.23 -5.20
C GLY B 126 -13.40 11.82 -3.92
N ASP B 127 -14.08 12.79 -3.29
CA ASP B 127 -14.82 12.58 -2.05
C ASP B 127 -16.29 12.25 -2.30
N GLY B 128 -16.62 11.79 -3.52
CA GLY B 128 -18.01 11.63 -3.91
C GLY B 128 -18.76 10.58 -3.12
N ILE B 129 -18.08 9.51 -2.70
CA ILE B 129 -18.79 8.39 -2.08
C ILE B 129 -18.04 7.90 -0.85
N THR B 130 -18.15 8.65 0.24
CA THR B 130 -17.54 8.27 1.49
C THR B 130 -18.50 7.40 2.32
N TYR B 131 -17.90 6.65 3.21
CA TYR B 131 -18.62 5.77 4.12
C TYR B 131 -17.84 5.75 5.42
N PRO B 132 -18.38 5.13 6.47
CA PRO B 132 -17.72 5.17 7.77
C PRO B 132 -16.35 4.50 7.70
N PRO B 133 -15.30 5.19 8.11
CA PRO B 133 -13.97 4.59 8.02
C PRO B 133 -13.74 3.54 9.07
N ALA B 134 -12.78 2.65 8.76
CA ALA B 134 -12.38 1.58 9.67
C ALA B 134 -10.87 1.40 9.57
N ASN B 135 -10.29 0.88 10.64
CA ASN B 135 -8.87 0.58 10.71
C ASN B 135 -8.65 -0.91 10.47
N ALA B 136 -7.59 -1.24 9.73
CA ALA B 136 -7.19 -2.63 9.58
C ALA B 136 -6.41 -3.07 10.80
N ASP B 137 -6.64 -4.30 11.21
CA ASP B 137 -5.92 -4.88 12.33
C ASP B 137 -4.66 -5.62 11.89
N ARG B 138 -4.58 -6.00 10.62
CA ARG B 138 -3.46 -6.74 10.04
C ARG B 138 -3.30 -6.34 8.59
N ILE B 139 -2.05 -6.05 8.18
CA ILE B 139 -1.73 -5.73 6.80
C ILE B 139 -1.16 -6.99 6.15
N VAL B 140 -1.69 -7.32 4.99
CA VAL B 140 -1.25 -8.54 4.29
C VAL B 140 -0.48 -8.18 3.01
N MET B 141 0.43 -9.08 2.65
CA MET B 141 1.25 -8.99 1.45
C MET B 141 0.72 -9.96 0.41
N ASP B 142 1.12 -9.74 -0.83
CA ASP B 142 0.66 -10.58 -1.92
C ASP B 142 1.15 -12.02 -1.72
N GLY B 143 0.22 -12.96 -1.82
CA GLY B 143 0.45 -14.36 -1.56
C GLY B 143 0.37 -14.77 -0.11
N GLU B 144 0.16 -13.83 0.83
CA GLU B 144 0.09 -14.19 2.22
C GLU B 144 -1.13 -15.04 2.51
N VAL B 145 -1.02 -15.92 3.48
CA VAL B 145 -2.11 -16.83 3.80
C VAL B 145 -2.56 -16.62 5.23
N ILE B 146 -3.86 -16.80 5.43
CA ILE B 146 -4.49 -16.73 6.74
C ILE B 146 -5.33 -17.98 6.95
N THR B 147 -5.04 -18.74 8.01
CA THR B 147 -5.80 -19.94 8.34
C THR B 147 -6.78 -19.63 9.45
N VAL B 148 -8.05 -20.05 9.24
CA VAL B 148 -9.07 -20.06 10.29
C VAL B 148 -9.75 -21.43 10.29
N GLY B 149 -9.62 -22.14 11.40
CA GLY B 149 -10.35 -23.37 11.62
C GLY B 149 -10.19 -24.39 10.50
N GLY B 150 -8.97 -24.56 10.01
CA GLY B 150 -8.73 -25.51 8.96
C GLY B 150 -8.94 -24.98 7.57
N ILE B 151 -9.50 -23.79 7.39
CA ILE B 151 -9.67 -23.21 6.06
C ILE B 151 -8.53 -22.22 5.84
N VAL B 152 -7.91 -22.28 4.66
CA VAL B 152 -6.72 -21.49 4.34
C VAL B 152 -7.09 -20.47 3.27
N PHE B 153 -6.98 -19.17 3.62
CA PHE B 153 -7.27 -18.07 2.72
C PHE B 153 -5.95 -17.50 2.18
N THR B 154 -5.84 -17.42 0.86
CA THR B 154 -4.68 -16.84 0.20
C THR B 154 -5.05 -15.56 -0.54
N ALA B 155 -4.26 -14.51 -0.33
CA ALA B 155 -4.42 -13.26 -1.05
C ALA B 155 -3.71 -13.25 -2.40
N HIS B 156 -4.41 -12.79 -3.44
CA HIS B 156 -3.83 -12.57 -4.77
C HIS B 156 -4.09 -11.14 -5.20
N PHE B 157 -3.05 -10.31 -5.23
CA PHE B 157 -3.29 -8.91 -5.55
C PHE B 157 -3.68 -8.80 -7.02
N MET B 158 -4.70 -7.97 -7.32
CA MET B 158 -5.09 -7.75 -8.71
C MET B 158 -5.51 -6.28 -8.91
N ALA B 159 -4.53 -5.40 -8.72
CA ALA B 159 -4.68 -3.95 -8.82
C ALA B 159 -5.36 -3.53 -10.12
N GLY B 160 -6.21 -2.51 -10.02
CA GLY B 160 -6.78 -1.90 -11.19
C GLY B 160 -8.06 -1.19 -10.84
N HIS B 161 -9.12 -1.94 -10.58
CA HIS B 161 -10.38 -1.31 -10.18
C HIS B 161 -10.15 -0.36 -9.01
N THR B 162 -9.38 -0.80 -8.03
CA THR B 162 -8.72 0.06 -7.07
C THR B 162 -7.27 -0.42 -6.98
N PRO B 163 -6.37 0.43 -6.48
CA PRO B 163 -4.98 -0.06 -6.26
C PRO B 163 -4.90 -1.31 -5.41
N GLY B 164 -5.76 -1.47 -4.41
CA GLY B 164 -5.72 -2.56 -3.46
C GLY B 164 -6.58 -3.75 -3.79
N SER B 165 -7.15 -3.79 -5.00
CA SER B 165 -8.05 -4.87 -5.39
C SER B 165 -7.36 -6.21 -5.18
N THR B 166 -8.09 -7.15 -4.57
CA THR B 166 -7.55 -8.43 -4.17
C THR B 166 -8.53 -9.54 -4.54
N ALA B 167 -7.99 -10.63 -5.06
CA ALA B 167 -8.71 -11.90 -5.09
C ALA B 167 -8.34 -12.71 -3.87
N TRP B 168 -9.32 -13.37 -3.27
CA TRP B 168 -9.11 -14.25 -2.14
C TRP B 168 -9.49 -15.68 -2.54
N THR B 169 -8.61 -16.63 -2.29
CA THR B 169 -8.92 -18.02 -2.65
C THR B 169 -8.86 -18.92 -1.43
N TRP B 170 -9.75 -19.91 -1.40
CA TRP B 170 -9.70 -20.93 -0.36
C TRP B 170 -10.28 -22.22 -0.92
N THR B 171 -10.05 -23.32 -0.19
CA THR B 171 -10.53 -24.63 -0.57
C THR B 171 -11.53 -25.06 0.48
N ASP B 172 -12.77 -25.21 0.06
CA ASP B 172 -13.86 -25.74 0.87
C ASP B 172 -14.08 -27.16 0.39
N THR B 173 -15.18 -27.79 0.83
CA THR B 173 -15.63 -29.08 0.31
C THR B 173 -17.06 -28.98 -0.17
N ARG B 174 -17.37 -29.83 -1.15
CA ARG B 174 -18.72 -29.97 -1.71
C ARG B 174 -18.96 -31.47 -1.88
N ASN B 175 -19.79 -32.04 -0.98
CA ASN B 175 -20.13 -33.46 -0.97
C ASN B 175 -18.97 -34.35 -1.41
N GLY B 176 -18.05 -34.63 -0.48
CA GLY B 176 -17.03 -35.65 -0.67
C GLY B 176 -15.78 -35.22 -1.41
N LYS B 177 -15.68 -33.98 -1.89
CA LYS B 177 -14.53 -33.55 -2.68
C LYS B 177 -14.14 -32.10 -2.40
N PRO B 178 -12.85 -31.78 -2.40
CA PRO B 178 -12.44 -30.38 -2.28
C PRO B 178 -12.96 -29.57 -3.45
N VAL B 179 -13.24 -28.29 -3.17
CA VAL B 179 -13.67 -27.35 -4.19
C VAL B 179 -12.91 -26.05 -3.96
N ARG B 180 -12.18 -25.62 -4.98
CA ARG B 180 -11.32 -24.44 -4.89
C ARG B 180 -12.14 -23.21 -5.25
N ILE B 181 -12.52 -22.42 -4.22
CA ILE B 181 -13.30 -21.19 -4.42
C ILE B 181 -12.35 -20.01 -4.68
N ALA B 182 -12.71 -19.19 -5.66
CA ALA B 182 -11.99 -17.95 -5.95
C ALA B 182 -12.98 -16.80 -5.91
N TYR B 183 -12.76 -15.86 -5.00
CA TYR B 183 -13.54 -14.62 -4.92
C TYR B 183 -12.69 -13.54 -5.54
N ALA B 184 -12.95 -13.26 -6.80
CA ALA B 184 -12.13 -12.36 -7.57
C ALA B 184 -12.80 -11.00 -7.59
N ASP B 185 -11.99 -9.95 -7.46
CA ASP B 185 -12.52 -8.61 -7.41
C ASP B 185 -13.03 -8.16 -8.78
N SER B 186 -13.73 -7.04 -8.79
CA SER B 186 -14.13 -6.40 -10.02
C SER B 186 -12.93 -6.13 -10.93
N LEU B 187 -13.16 -6.28 -12.24
CA LEU B 187 -12.19 -5.91 -13.28
C LEU B 187 -12.67 -4.77 -14.17
N SER B 188 -13.72 -4.07 -13.78
CA SER B 188 -14.25 -2.91 -14.48
C SER B 188 -13.45 -1.63 -14.20
N ALA B 189 -13.69 -0.61 -15.04
CA ALA B 189 -13.06 0.71 -14.92
C ALA B 189 -14.08 1.79 -15.29
N PRO B 190 -15.19 1.86 -14.56
CA PRO B 190 -16.34 2.65 -15.05
C PRO B 190 -16.15 4.16 -15.01
N GLY B 191 -16.07 4.75 -16.19
CA GLY B 191 -15.78 6.15 -16.30
C GLY B 191 -14.36 6.54 -16.04
N TYR B 192 -13.45 5.58 -15.83
CA TYR B 192 -12.09 5.95 -15.47
C TYR B 192 -11.35 6.49 -16.69
N GLN B 193 -10.55 7.53 -16.48
CA GLN B 193 -9.51 7.86 -17.45
C GLN B 193 -8.44 6.80 -17.34
N LEU B 194 -8.18 6.13 -18.47
CA LEU B 194 -7.30 4.97 -18.50
C LEU B 194 -5.86 5.36 -18.82
N GLN B 195 -5.64 6.16 -19.86
CA GLN B 195 -4.31 6.54 -20.27
C GLN B 195 -3.99 7.96 -19.79
N GLY B 196 -2.74 8.16 -19.39
CA GLY B 196 -2.24 9.44 -18.92
C GLY B 196 -2.84 9.93 -17.63
N ASN B 197 -3.35 9.04 -16.80
CA ASN B 197 -4.02 9.44 -15.56
C ASN B 197 -2.97 9.86 -14.54
N PRO B 198 -2.89 11.14 -14.15
CA PRO B 198 -1.85 11.54 -13.18
C PRO B 198 -1.91 10.78 -11.86
N ARG B 199 -3.10 10.36 -11.41
CA ARG B 199 -3.28 9.70 -10.13
C ARG B 199 -2.99 8.21 -10.21
N TYR B 200 -2.83 7.66 -11.42
CA TYR B 200 -2.57 6.23 -11.60
C TYR B 200 -1.78 6.03 -12.88
N PRO B 201 -0.49 6.41 -12.89
CA PRO B 201 0.28 6.35 -14.15
C PRO B 201 0.35 4.99 -14.79
N HIS B 202 0.37 3.91 -14.02
CA HIS B 202 0.53 2.57 -14.57
C HIS B 202 -0.78 1.79 -14.61
N LEU B 203 -1.90 2.52 -14.71
CA LEU B 203 -3.23 1.90 -14.68
C LEU B 203 -3.35 0.80 -15.72
N ILE B 204 -2.97 1.10 -16.97
CA ILE B 204 -3.17 0.12 -18.04
C ILE B 204 -2.30 -1.10 -17.78
N GLU B 205 -1.04 -0.88 -17.42
CA GLU B 205 -0.13 -1.98 -17.13
C GLU B 205 -0.66 -2.85 -15.99
N ASP B 206 -1.18 -2.24 -14.91
CA ASP B 206 -1.70 -3.04 -13.79
C ASP B 206 -2.94 -3.83 -14.18
N TYR B 207 -3.85 -3.25 -14.98
CA TYR B 207 -5.03 -3.98 -15.41
C TYR B 207 -4.64 -5.22 -16.24
N ARG B 208 -3.74 -5.04 -17.21
CA ARG B 208 -3.33 -6.19 -18.01
C ARG B 208 -2.74 -7.30 -17.14
N ARG B 209 -1.90 -6.94 -16.17
CA ARG B 209 -1.40 -7.96 -15.24
C ARG B 209 -2.53 -8.62 -14.47
N SER B 210 -3.53 -7.85 -14.03
CA SER B 210 -4.64 -8.44 -13.27
C SER B 210 -5.53 -9.36 -14.13
N PHE B 211 -5.76 -9.02 -15.40
CA PHE B 211 -6.44 -9.98 -16.28
C PHE B 211 -5.73 -11.32 -16.23
N ALA B 212 -4.41 -11.31 -16.38
CA ALA B 212 -3.65 -12.56 -16.36
C ALA B 212 -3.74 -13.26 -15.00
N THR B 213 -3.65 -12.50 -13.92
CA THR B 213 -3.73 -13.11 -12.60
C THR B 213 -5.07 -13.81 -12.38
N VAL B 214 -6.17 -13.18 -12.78
CA VAL B 214 -7.47 -13.81 -12.60
C VAL B 214 -7.55 -15.12 -13.42
N ARG B 215 -7.04 -15.09 -14.66
CA ARG B 215 -7.08 -16.27 -15.52
C ARG B 215 -6.40 -17.47 -14.88
N ALA B 216 -5.30 -17.22 -14.17
CA ALA B 216 -4.47 -18.29 -13.61
C ALA B 216 -4.89 -18.75 -12.22
N LEU B 217 -5.89 -18.11 -11.60
CA LEU B 217 -6.22 -18.46 -10.24
C LEU B 217 -6.63 -19.92 -10.12
N PRO B 218 -6.36 -20.55 -8.97
CA PRO B 218 -7.02 -21.83 -8.66
C PRO B 218 -8.50 -21.59 -8.44
N CYS B 219 -9.32 -22.25 -9.25
CA CYS B 219 -10.67 -21.74 -9.46
C CYS B 219 -11.64 -22.79 -9.97
N ASP B 220 -12.18 -23.62 -9.08
CA ASP B 220 -13.29 -24.48 -9.45
C ASP B 220 -14.60 -23.71 -9.47
N VAL B 221 -14.72 -22.71 -8.61
CA VAL B 221 -15.92 -21.88 -8.51
C VAL B 221 -15.48 -20.43 -8.39
N LEU B 222 -15.87 -19.60 -9.34
CA LEU B 222 -15.65 -18.16 -9.30
C LEU B 222 -16.86 -17.45 -8.72
N LEU B 223 -16.60 -16.48 -7.83
CA LEU B 223 -17.63 -15.55 -7.34
C LEU B 223 -17.04 -14.15 -7.46
N THR B 224 -17.92 -13.15 -7.57
CA THR B 224 -17.51 -11.76 -7.74
C THR B 224 -18.37 -10.86 -6.86
N PRO B 225 -17.85 -9.69 -6.48
CA PRO B 225 -18.62 -8.78 -5.60
C PRO B 225 -19.97 -8.39 -6.14
N HIS B 226 -20.04 -8.06 -7.43
CA HIS B 226 -21.33 -7.96 -8.10
C HIS B 226 -21.60 -9.29 -8.78
N PRO B 227 -22.54 -10.11 -8.28
CA PRO B 227 -22.70 -11.47 -8.82
C PRO B 227 -22.93 -11.52 -10.32
N GLY B 228 -23.56 -10.51 -10.89
CA GLY B 228 -23.79 -10.53 -12.31
C GLY B 228 -22.51 -10.53 -13.13
N ALA B 229 -21.44 -9.92 -12.61
CA ALA B 229 -20.19 -9.88 -13.34
C ALA B 229 -19.63 -11.27 -13.67
N SER B 230 -20.02 -12.28 -12.89
CA SER B 230 -19.62 -13.65 -13.15
C SER B 230 -20.82 -14.53 -13.46
N ASN B 231 -21.95 -13.92 -13.84
CA ASN B 231 -23.17 -14.63 -14.26
C ASN B 231 -23.77 -15.51 -13.17
N TRP B 232 -23.64 -15.08 -11.93
CA TRP B 232 -24.43 -15.65 -10.86
C TRP B 232 -25.80 -14.99 -10.83
N ASP B 233 -26.78 -15.75 -10.33
CA ASP B 233 -28.13 -15.24 -10.14
C ASP B 233 -28.57 -15.78 -8.77
N TYR B 234 -28.36 -14.98 -7.73
CA TYR B 234 -28.60 -15.45 -6.38
C TYR B 234 -30.08 -15.65 -6.09
N ALA B 235 -30.95 -15.09 -6.91
CA ALA B 235 -32.37 -15.32 -6.79
C ALA B 235 -32.79 -16.67 -7.34
N ALA B 236 -31.92 -17.31 -8.14
CA ALA B 236 -32.22 -18.58 -8.77
C ALA B 236 -31.92 -19.76 -7.88
N GLY B 237 -31.83 -19.54 -6.57
CA GLY B 237 -31.62 -20.62 -5.63
C GLY B 237 -30.57 -21.63 -6.08
N ALA B 238 -30.94 -22.91 -6.01
CA ALA B 238 -29.96 -23.97 -6.22
C ALA B 238 -29.36 -23.95 -7.62
N ARG B 239 -29.98 -23.23 -8.56
CA ARG B 239 -29.41 -23.04 -9.88
C ARG B 239 -28.56 -21.78 -9.96
N ALA B 240 -28.29 -21.13 -8.83
CA ALA B 240 -27.74 -19.77 -8.84
C ALA B 240 -26.46 -19.70 -9.65
N GLY B 241 -25.63 -20.75 -9.56
CA GLY B 241 -24.35 -20.76 -10.23
C GLY B 241 -24.26 -21.64 -11.46
N ALA B 242 -25.40 -22.04 -12.02
CA ALA B 242 -25.38 -22.99 -13.14
C ALA B 242 -24.74 -22.38 -14.39
N LYS B 243 -24.88 -21.08 -14.58
CA LYS B 243 -24.29 -20.41 -15.72
C LYS B 243 -23.07 -19.56 -15.33
N ALA B 244 -22.51 -19.79 -14.15
CA ALA B 244 -21.38 -18.99 -13.68
C ALA B 244 -20.20 -19.10 -14.65
N LEU B 245 -19.55 -17.96 -14.88
CA LEU B 245 -18.35 -17.91 -15.71
C LEU B 245 -17.16 -18.58 -15.03
N THR B 246 -16.22 -19.01 -15.85
CA THR B 246 -14.91 -19.42 -15.35
C THR B 246 -14.06 -18.19 -15.12
N CYS B 247 -13.01 -18.37 -14.31
CA CYS B 247 -12.01 -17.30 -14.16
C CYS B 247 -11.50 -16.84 -15.53
N LYS B 248 -11.16 -17.79 -16.42
CA LYS B 248 -10.72 -17.41 -17.75
C LYS B 248 -11.76 -16.58 -18.48
N ALA B 249 -13.03 -17.00 -18.43
CA ALA B 249 -14.08 -16.28 -19.14
C ALA B 249 -14.30 -14.89 -18.53
N TYR B 250 -14.30 -14.79 -17.20
CA TYR B 250 -14.48 -13.49 -16.57
C TYR B 250 -13.41 -12.51 -17.03
N ALA B 251 -12.14 -12.95 -16.99
CA ALA B 251 -11.04 -12.07 -17.38
C ALA B 251 -11.10 -11.72 -18.87
N ASP B 252 -11.42 -12.70 -19.72
CA ASP B 252 -11.47 -12.40 -21.16
C ASP B 252 -12.49 -11.31 -21.44
N ALA B 253 -13.69 -11.45 -20.86
CA ALA B 253 -14.73 -10.44 -21.03
C ALA B 253 -14.26 -9.07 -20.54
N ALA B 254 -13.65 -9.02 -19.35
CA ALA B 254 -13.25 -7.73 -18.82
C ALA B 254 -12.20 -7.07 -19.70
N GLU B 255 -11.30 -7.87 -20.28
CA GLU B 255 -10.24 -7.31 -21.10
C GLU B 255 -10.78 -6.75 -22.42
N GLN B 256 -11.71 -7.45 -23.08
CA GLN B 256 -12.22 -6.90 -24.33
C GLN B 256 -13.07 -5.66 -24.08
N LYS B 257 -13.82 -5.60 -22.96
CA LYS B 257 -14.49 -4.35 -22.63
C LYS B 257 -13.48 -3.26 -22.29
N PHE B 258 -12.42 -3.63 -21.58
CA PHE B 258 -11.36 -2.68 -21.30
C PHE B 258 -10.75 -2.17 -22.60
N ASP B 259 -10.41 -3.10 -23.51
CA ASP B 259 -9.78 -2.72 -24.78
C ASP B 259 -10.67 -1.75 -25.56
N GLY B 260 -11.98 -1.95 -25.54
CA GLY B 260 -12.87 -1.05 -26.26
C GLY B 260 -12.98 0.32 -25.62
N GLN B 261 -13.08 0.37 -24.28
CA GLN B 261 -13.11 1.64 -23.57
C GLN B 261 -11.85 2.46 -23.83
N LEU B 262 -10.72 1.78 -24.04
CA LEU B 262 -9.47 2.48 -24.30
C LEU B 262 -9.48 3.10 -25.69
N ALA B 263 -9.78 2.30 -26.73
CA ALA B 263 -9.94 2.83 -28.08
C ALA B 263 -10.84 4.06 -28.10
N LYS B 264 -12.07 3.90 -27.63
CA LYS B 264 -13.00 5.03 -27.54
C LYS B 264 -12.34 6.22 -26.87
N GLU B 265 -11.44 5.98 -25.91
CA GLU B 265 -10.84 7.09 -25.16
C GLU B 265 -9.81 7.81 -25.99
N THR B 266 -8.93 7.06 -26.65
CA THR B 266 -7.88 7.62 -27.48
C THR B 266 -8.44 8.28 -28.75
N ALA B 267 -9.76 8.24 -28.95
CA ALA B 267 -10.41 8.88 -30.09
C ALA B 267 -11.37 9.98 -29.63
N GLY B 268 -12.47 9.63 -28.97
CA GLY B 268 -13.52 10.57 -28.55
C GLY B 268 -13.17 12.04 -28.54
ZN ZN C . 16.08 -0.07 6.52
ZN ZN D . 19.04 2.08 6.85
N01 5A5 E . 21.02 0.88 9.80
N01 5A5 E . 20.79 0.68 9.70
C02 5A5 E . 21.09 0.13 8.57
C02 5A5 E . 21.00 0.01 8.44
N03 5A5 E . 20.42 0.44 7.47
N03 5A5 E . 20.32 0.28 7.33
C04 5A5 E . 20.62 -0.36 6.41
C04 5A5 E . 20.66 -0.45 6.25
C05 5A5 E . 19.89 -0.06 5.10
C05 5A5 E . 19.93 -0.18 4.95
O06 5A5 E . 20.16 -0.71 4.06
O06 5A5 E . 20.15 -0.90 3.94
O07 5A5 E . 19.03 0.87 5.11
O07 5A5 E . 19.12 0.80 4.92
C08 5A5 E . 21.52 -1.44 6.61
C08 5A5 E . 21.67 -1.44 6.43
C09 5A5 E . 21.91 -2.56 5.65
C09 5A5 E . 22.25 -2.40 5.39
C10 5A5 E . 23.23 -2.37 4.92
C10 5A5 E . 23.29 -3.41 5.96
C11 5A5 E . 23.30 -1.46 3.89
C11 5A5 E . 24.55 -3.59 5.40
C12 5A5 E . 24.48 -1.28 3.18
C12 5A5 E . 25.43 -4.51 5.95
C13 5A5 E . 25.59 -2.03 3.52
C13 5A5 E . 25.06 -5.28 7.07
C14 5A5 E . 26.86 -1.80 2.70
C14 5A5 E . 25.99 -6.30 7.73
C15 5A5 E . 27.90 -2.90 2.95
C15 5A5 E . 26.61 -5.72 9.01
C16 5A5 E . 27.41 -0.40 2.95
C16 5A5 E . 27.04 -6.80 6.73
C17 5A5 E . 25.52 -2.96 4.55
C17 5A5 E . 23.82 -5.08 7.63
C18 5A5 E . 24.34 -3.14 5.24
C18 5A5 E . 22.95 -4.17 7.06
S19 5A5 E . 22.00 -1.28 8.23
S19 5A5 E . 22.09 -1.26 8.08
S SCN F . 17.04 -1.86 7.68
C SCN F . 18.18 -2.88 8.54
N SCN F . 19.05 -3.44 9.10
S SCN G . 2.36 16.34 0.48
C SCN G . 0.75 17.08 0.43
N SCN G . -0.41 17.39 0.55
ZN ZN H . -15.72 -0.27 -6.88
ZN ZN I . -18.92 -2.18 -6.88
N01 5A5 J . -21.18 0.33 -7.97
C02 5A5 J . -20.54 -0.39 -9.04
N03 5A5 J . -19.49 -1.18 -8.85
C04 5A5 J . -18.99 -1.76 -9.97
C05 5A5 J . -17.79 -2.67 -9.77
O06 5A5 J . -17.07 -3.03 -10.74
O07 5A5 J . -17.55 -2.99 -8.56
C08 5A5 J . -19.61 -1.43 -11.18
C09 5A5 J . -19.29 -1.92 -12.60
C10 5A5 J . -20.31 -3.04 -12.88
C11 5A5 J . -19.98 -4.35 -12.55
C12 5A5 J . -20.86 -5.40 -12.78
C13 5A5 J . -22.11 -5.14 -13.34
C14 5A5 J . -23.05 -6.34 -13.57
C15 5A5 J . -23.40 -6.51 -15.05
C16 5A5 J . -24.30 -6.27 -12.69
C17 5A5 J . -22.45 -3.83 -13.68
C18 5A5 J . -21.56 -2.79 -13.45
S19 5A5 J . -20.86 -0.36 -10.72
S SCN K . -7.10 -9.79 11.32
C SCN K . -6.10 -9.73 12.82
N SCN K . -5.40 -9.51 13.73
S SCN L . -32.03 30.13 5.77
C SCN L . -32.65 31.49 6.80
N SCN L . -33.04 32.30 7.54
S SCN M . -22.87 3.34 -1.83
C SCN M . -24.12 3.91 -0.70
N SCN M . -24.91 4.25 0.11
S SCN N . -16.50 1.30 -8.42
C SCN N . -17.33 2.04 -9.77
N SCN N . -18.00 2.49 -10.58
C1 GOL O . -4.48 11.41 1.81
O1 GOL O . -5.86 11.67 1.58
C2 GOL O . -4.28 10.66 3.14
O2 GOL O . -4.73 11.51 4.17
C3 GOL O . -5.14 9.40 3.15
O3 GOL O . -4.49 8.13 3.13
#